data_7OKW
#
_entry.id   7OKW
#
_cell.length_a   70.168
_cell.length_b   49.424
_cell.length_c   56.439
_cell.angle_alpha   90.000
_cell.angle_beta   99.442
_cell.angle_gamma   90.000
#
_symmetry.space_group_name_H-M   'C 1 2 1'
#
loop_
_entity.id
_entity.type
_entity.pdbx_description
1 polymer 'Serine/threonine-protein kinase OSR1'
2 non-polymer (4S)-2-METHYL-2,4-PENTANEDIOL
3 non-polymer 'CALCIUM ION'
4 non-polymer 'MAGNESIUM ION'
5 non-polymer 'SODIUM ION'
6 water water
#
_entity_poly.entity_id   1
_entity_poly.type   'polypeptide(L)'
_entity_poly.pdbx_seq_one_letter_code
;GSGSGSQETKIPISLVLRLRNSKKELNDIRFEFTPGRDTAEGVSQELISAGLVDGRDLVIVAANLQKIVEEPQSNRSVTF
KLASGVEGSDIPDDGKLIGFAQLSIS
;
_entity_poly.pdbx_strand_id   A,B
#
# COMPACT_ATOMS: atom_id res chain seq x y z
N LYS A 10 -16.32 2.14 20.85
CA LYS A 10 -15.61 1.47 19.76
C LYS A 10 -14.16 1.92 19.72
N ILE A 11 -13.26 1.01 19.36
CA ILE A 11 -11.83 1.31 19.28
C ILE A 11 -11.55 1.85 17.88
N PRO A 12 -11.09 3.09 17.73
CA PRO A 12 -10.82 3.62 16.38
C PRO A 12 -9.62 2.94 15.74
N ILE A 13 -9.61 2.99 14.41
CA ILE A 13 -8.42 2.63 13.65
C ILE A 13 -7.46 3.81 13.74
N SER A 14 -6.19 3.54 14.02
N SER A 14 -6.19 3.53 14.01
CA SER A 14 -5.16 4.57 14.11
CA SER A 14 -5.16 4.56 14.11
C SER A 14 -4.33 4.55 12.82
C SER A 14 -4.32 4.55 12.83
N LEU A 15 -4.22 5.70 12.17
CA LEU A 15 -3.58 5.77 10.86
C LEU A 15 -2.49 6.84 10.85
N VAL A 16 -1.61 6.73 9.86
CA VAL A 16 -0.58 7.74 9.61
C VAL A 16 -0.48 7.99 8.12
N LEU A 17 -0.53 9.26 7.74
CA LEU A 17 -0.34 9.71 6.36
C LEU A 17 1.01 10.41 6.27
N ARG A 18 1.90 9.87 5.45
CA ARG A 18 3.24 10.43 5.29
C ARG A 18 3.30 11.21 3.99
N LEU A 19 3.68 12.48 4.10
CA LEU A 19 3.71 13.47 3.03
C LEU A 19 5.03 14.22 3.11
N ARG A 20 5.52 14.69 1.97
CA ARG A 20 6.72 15.52 1.93
C ARG A 20 6.27 16.96 1.69
N ASN A 21 6.78 17.89 2.52
CA ASN A 21 6.36 19.29 2.39
C ASN A 21 7.23 20.01 1.36
N SER A 22 6.99 21.32 1.22
CA SER A 22 7.69 22.13 0.23
C SER A 22 9.16 22.31 0.57
N LYS A 23 9.56 22.18 1.84
CA LYS A 23 10.98 22.17 2.19
C LYS A 23 11.61 20.81 1.98
N LYS A 24 10.96 19.90 1.24
CA LYS A 24 11.45 18.54 1.00
C LYS A 24 11.55 17.74 2.29
N GLU A 25 10.79 18.09 3.32
CA GLU A 25 10.83 17.36 4.58
C GLU A 25 9.63 16.43 4.70
N LEU A 26 9.88 15.22 5.16
CA LEU A 26 8.82 14.25 5.38
C LEU A 26 8.11 14.55 6.70
N ASN A 27 6.79 14.52 6.67
CA ASN A 27 5.97 14.70 7.86
C ASN A 27 4.99 13.56 7.97
N ASP A 28 4.82 13.04 9.19
CA ASP A 28 3.84 12.00 9.47
C ASP A 28 2.64 12.63 10.15
N ILE A 29 1.47 12.52 9.52
CA ILE A 29 0.22 13.03 10.07
C ILE A 29 -0.55 11.87 10.71
N ARG A 30 -0.74 11.91 12.04
CA ARG A 30 -1.47 10.86 12.75
C ARG A 30 -2.93 11.24 12.91
N PHE A 31 -3.83 10.30 12.63
CA PHE A 31 -5.26 10.56 12.81
C PHE A 31 -5.99 9.25 13.05
N GLU A 32 -7.25 9.36 13.42
CA GLU A 32 -8.06 8.18 13.74
C GLU A 32 -9.28 8.08 12.85
N PHE A 33 -9.80 6.87 12.74
CA PHE A 33 -11.02 6.61 11.97
C PHE A 33 -11.87 5.61 12.73
N THR A 34 -13.11 5.99 13.05
CA THR A 34 -14.02 5.08 13.75
C THR A 34 -15.06 4.51 12.79
N PRO A 35 -15.01 3.22 12.45
CA PRO A 35 -16.02 2.65 11.56
C PRO A 35 -17.43 2.79 12.12
N GLY A 36 -18.39 3.03 11.23
CA GLY A 36 -19.79 3.26 11.58
C GLY A 36 -20.09 4.65 12.09
N ARG A 37 -19.09 5.53 12.18
N ARG A 37 -19.08 5.52 12.17
CA ARG A 37 -19.31 6.88 12.65
CA ARG A 37 -19.25 6.87 12.68
C ARG A 37 -18.64 7.86 11.68
C ARG A 37 -18.64 7.84 11.68
N ASP A 38 -17.36 7.64 11.40
CA ASP A 38 -16.63 8.48 10.47
C ASP A 38 -16.96 8.08 9.03
N THR A 39 -16.73 9.00 8.10
CA THR A 39 -16.70 8.65 6.68
C THR A 39 -15.32 8.98 6.14
N ALA A 40 -14.92 8.28 5.08
CA ALA A 40 -13.59 8.54 4.51
C ALA A 40 -13.48 9.97 3.99
N GLU A 41 -14.56 10.49 3.40
CA GLU A 41 -14.52 11.86 2.90
C GLU A 41 -14.46 12.87 4.03
N GLY A 42 -15.25 12.67 5.08
CA GLY A 42 -15.25 13.60 6.20
C GLY A 42 -13.91 13.68 6.92
N VAL A 43 -13.27 12.54 7.16
CA VAL A 43 -11.97 12.57 7.83
C VAL A 43 -10.91 13.18 6.92
N SER A 44 -10.97 12.88 5.62
CA SER A 44 -10.08 13.51 4.67
C SER A 44 -10.28 15.02 4.64
N GLN A 45 -11.54 15.49 4.68
N GLN A 45 -11.53 15.50 4.70
CA GLN A 45 -11.77 16.93 4.72
CA GLN A 45 -11.71 16.95 4.70
C GLN A 45 -11.21 17.55 5.99
C GLN A 45 -11.24 17.57 6.01
N GLU A 46 -11.26 16.82 7.10
CA GLU A 46 -10.70 17.32 8.35
C GLU A 46 -9.21 17.59 8.20
N LEU A 47 -8.49 16.68 7.54
CA LEU A 47 -7.06 16.85 7.33
C LEU A 47 -6.79 18.08 6.46
N ILE A 48 -7.63 18.29 5.46
CA ILE A 48 -7.53 19.48 4.61
C ILE A 48 -7.86 20.74 5.40
N SER A 49 -8.92 20.71 6.22
CA SER A 49 -9.27 21.90 6.99
C SER A 49 -8.16 22.28 7.96
N ALA A 50 -7.41 21.30 8.45
CA ALA A 50 -6.27 21.55 9.31
C ALA A 50 -5.07 22.10 8.56
N GLY A 51 -5.11 22.20 7.24
CA GLY A 51 -3.96 22.67 6.47
C GLY A 51 -2.90 21.64 6.21
N LEU A 52 -3.19 20.35 6.43
CA LEU A 52 -2.17 19.31 6.39
C LEU A 52 -2.12 18.59 5.05
N VAL A 53 -3.25 18.59 4.33
CA VAL A 53 -3.38 17.93 3.03
C VAL A 53 -3.91 18.97 2.05
N ASP A 54 -3.43 18.93 0.81
CA ASP A 54 -3.93 19.82 -0.24
C ASP A 54 -5.38 19.50 -0.56
N GLY A 55 -6.23 20.54 -0.64
CA GLY A 55 -7.61 20.30 -1.01
C GLY A 55 -7.77 19.56 -2.32
N ARG A 56 -6.80 19.72 -3.23
CA ARG A 56 -6.84 19.01 -4.50
C ARG A 56 -6.80 17.50 -4.33
N ASP A 57 -6.33 17.03 -3.17
CA ASP A 57 -6.14 15.60 -2.93
C ASP A 57 -7.29 14.95 -2.16
N LEU A 58 -8.40 15.67 -1.95
CA LEU A 58 -9.52 15.14 -1.17
C LEU A 58 -9.99 13.79 -1.71
N VAL A 59 -10.22 13.72 -3.02
CA VAL A 59 -10.87 12.56 -3.60
C VAL A 59 -9.96 11.34 -3.50
N ILE A 60 -8.68 11.52 -3.84
N ILE A 60 -8.68 11.50 -3.84
CA ILE A 60 -7.75 10.39 -3.88
CA ILE A 60 -7.82 10.31 -3.86
C ILE A 60 -7.44 9.90 -2.47
C ILE A 60 -7.39 9.89 -2.46
N VAL A 61 -7.27 10.83 -1.53
CA VAL A 61 -6.99 10.45 -0.15
C VAL A 61 -8.19 9.72 0.44
N ALA A 62 -9.40 10.25 0.22
CA ALA A 62 -10.59 9.57 0.73
C ALA A 62 -10.74 8.18 0.12
N ALA A 63 -10.47 8.04 -1.18
CA ALA A 63 -10.62 6.74 -1.81
C ALA A 63 -9.66 5.73 -1.22
N ASN A 64 -8.43 6.15 -0.92
CA ASN A 64 -7.44 5.25 -0.35
C ASN A 64 -7.69 5.00 1.11
N LEU A 65 -8.18 6.00 1.84
CA LEU A 65 -8.60 5.78 3.22
C LEU A 65 -9.68 4.71 3.29
N GLN A 66 -10.70 4.84 2.43
CA GLN A 66 -11.79 3.88 2.42
C GLN A 66 -11.30 2.46 2.21
N LYS A 67 -10.31 2.29 1.32
CA LYS A 67 -9.78 0.97 1.02
C LYS A 67 -9.07 0.38 2.22
N ILE A 68 -8.31 1.20 2.94
N ILE A 68 -8.31 1.20 2.94
CA ILE A 68 -7.50 0.67 4.03
CA ILE A 68 -7.49 0.69 4.03
C ILE A 68 -8.35 0.35 5.26
C ILE A 68 -8.36 0.34 5.25
N VAL A 69 -9.47 1.06 5.48
CA VAL A 69 -10.28 0.81 6.68
C VAL A 69 -11.25 -0.35 6.48
N GLU A 70 -11.40 -0.84 5.26
CA GLU A 70 -12.31 -1.96 5.01
C GLU A 70 -11.81 -3.25 5.63
N GLU A 71 -10.50 -3.51 5.54
N GLU A 71 -10.50 -3.51 5.55
CA GLU A 71 -9.89 -4.68 6.17
CA GLU A 71 -9.87 -4.68 6.14
C GLU A 71 -8.52 -4.30 6.72
C GLU A 71 -8.52 -4.29 6.72
N PRO A 72 -8.51 -3.53 7.82
CA PRO A 72 -7.23 -2.96 8.32
C PRO A 72 -6.27 -4.00 8.85
N GLN A 73 -6.75 -5.19 9.22
N GLN A 73 -6.74 -5.20 9.21
CA GLN A 73 -5.85 -6.24 9.70
CA GLN A 73 -5.81 -6.21 9.70
C GLN A 73 -5.01 -6.80 8.56
C GLN A 73 -5.02 -6.83 8.56
N SER A 74 -5.57 -6.82 7.35
CA SER A 74 -4.92 -7.38 6.17
C SER A 74 -4.16 -6.34 5.36
N ASN A 75 -4.73 -5.17 5.16
CA ASN A 75 -4.16 -4.12 4.31
C ASN A 75 -3.60 -3.02 5.18
N ARG A 76 -2.28 -2.93 5.23
CA ARG A 76 -1.57 -2.15 6.23
C ARG A 76 -0.96 -0.87 5.70
N SER A 77 -0.64 -0.81 4.41
CA SER A 77 -0.06 0.41 3.86
C SER A 77 -0.33 0.46 2.37
N VAL A 78 -0.38 1.69 1.85
CA VAL A 78 -0.60 1.95 0.44
C VAL A 78 0.14 3.24 0.07
N THR A 79 0.79 3.22 -1.09
CA THR A 79 1.47 4.39 -1.65
C THR A 79 0.78 4.75 -2.95
N PHE A 80 0.33 6.00 -3.08
CA PHE A 80 -0.53 6.38 -4.21
C PHE A 80 -0.21 7.78 -4.72
N LYS A 81 -0.56 8.00 -5.98
CA LYS A 81 -0.32 9.29 -6.64
C LYS A 81 -1.27 10.36 -6.11
N LEU A 82 -0.74 11.56 -5.94
CA LEU A 82 -1.50 12.72 -5.50
C LEU A 82 -1.92 13.55 -6.72
N ALA A 83 -3.11 14.14 -6.66
CA ALA A 83 -3.60 15.00 -7.72
C ALA A 83 -2.98 16.39 -7.64
N SER A 84 -2.48 16.77 -6.48
CA SER A 84 -1.85 18.07 -6.32
C SER A 84 -0.55 18.17 -7.09
N GLY A 85 0.01 17.03 -7.50
CA GLY A 85 1.10 17.04 -8.45
C GLY A 85 2.40 17.60 -7.89
N VAL A 86 3.24 18.07 -8.82
CA VAL A 86 4.57 18.55 -8.47
C VAL A 86 4.76 19.94 -9.09
N GLU A 87 5.78 20.64 -8.63
CA GLU A 87 6.00 22.01 -9.06
C GLU A 87 7.50 22.30 -9.09
N GLY A 88 7.85 23.32 -9.88
CA GLY A 88 9.25 23.73 -9.95
C GLY A 88 10.07 22.80 -10.84
N SER A 89 11.25 22.44 -10.35
CA SER A 89 12.09 21.47 -11.04
C SER A 89 11.77 20.04 -10.65
N ASP A 90 10.87 19.85 -9.68
CA ASP A 90 10.55 18.51 -9.20
C ASP A 90 9.90 17.67 -10.29
N ILE A 91 10.18 16.37 -10.27
CA ILE A 91 9.42 15.41 -11.06
C ILE A 91 8.81 14.40 -10.08
N PRO A 92 7.67 13.78 -10.41
CA PRO A 92 7.10 12.78 -9.52
C PRO A 92 8.12 11.70 -9.17
N ASP A 93 8.10 11.25 -7.93
CA ASP A 93 9.10 10.29 -7.46
C ASP A 93 8.41 9.51 -6.34
N ASP A 94 8.02 8.27 -6.63
CA ASP A 94 7.24 7.54 -5.64
C ASP A 94 8.10 7.11 -4.46
N GLY A 95 9.35 6.68 -4.71
CA GLY A 95 10.24 6.32 -3.62
C GLY A 95 10.47 7.45 -2.62
N LYS A 96 10.60 8.69 -3.12
CA LYS A 96 10.79 9.87 -2.28
C LYS A 96 9.49 10.58 -1.87
N LEU A 97 8.32 10.06 -2.26
CA LEU A 97 7.03 10.67 -1.94
C LEU A 97 6.97 12.12 -2.38
N ILE A 98 7.39 12.36 -3.63
CA ILE A 98 7.21 13.65 -4.29
C ILE A 98 6.12 13.45 -5.31
N GLY A 99 4.93 14.02 -5.04
CA GLY A 99 3.75 13.76 -5.85
C GLY A 99 3.08 12.46 -5.53
N PHE A 100 3.44 11.81 -4.43
CA PHE A 100 2.86 10.56 -3.97
C PHE A 100 2.74 10.65 -2.45
N ALA A 101 1.80 9.90 -1.89
CA ALA A 101 1.63 9.86 -0.44
C ALA A 101 1.61 8.42 0.04
N GLN A 102 1.91 8.22 1.32
N GLN A 102 1.85 8.22 1.33
CA GLN A 102 1.88 6.90 1.94
CA GLN A 102 1.89 6.89 1.93
C GLN A 102 0.90 6.92 3.11
C GLN A 102 0.95 6.86 3.14
N LEU A 103 -0.04 5.99 3.09
CA LEU A 103 -1.06 5.88 4.14
C LEU A 103 -0.96 4.51 4.78
N SER A 104 -0.84 4.48 6.12
CA SER A 104 -0.59 3.22 6.78
C SER A 104 -1.42 3.14 8.06
N ILE A 105 -1.69 1.91 8.49
CA ILE A 105 -2.13 1.68 9.85
C ILE A 105 -0.97 1.99 10.79
N SER A 106 -1.25 2.70 11.87
CA SER A 106 -0.23 3.07 12.85
C SER A 106 0.41 1.87 13.52
N LYS B 10 0.24 -5.78 -23.62
CA LYS B 10 0.72 -4.40 -23.60
C LYS B 10 2.17 -4.32 -23.15
N ILE B 11 2.46 -3.30 -22.33
CA ILE B 11 3.81 -3.00 -21.85
C ILE B 11 4.01 -3.69 -20.50
N PRO B 12 5.13 -4.40 -20.29
CA PRO B 12 5.32 -5.11 -19.01
C PRO B 12 5.48 -4.17 -17.84
N ILE B 13 4.86 -4.55 -16.72
CA ILE B 13 4.97 -3.82 -15.46
C ILE B 13 6.09 -4.44 -14.64
N SER B 14 7.01 -3.61 -14.15
CA SER B 14 8.15 -4.09 -13.38
C SER B 14 7.81 -4.00 -11.90
N LEU B 15 7.87 -5.14 -11.20
CA LEU B 15 7.40 -5.27 -9.83
C LEU B 15 8.51 -5.75 -8.91
N VAL B 16 8.37 -5.42 -7.63
CA VAL B 16 9.26 -5.91 -6.59
C VAL B 16 8.37 -6.43 -5.47
N LEU B 17 8.49 -7.72 -5.16
CA LEU B 17 7.84 -8.31 -3.99
C LEU B 17 8.88 -8.47 -2.89
N ARG B 18 8.68 -7.78 -1.77
CA ARG B 18 9.59 -7.87 -0.64
C ARG B 18 8.96 -8.75 0.44
N LEU B 19 9.62 -9.86 0.79
CA LEU B 19 9.13 -10.74 1.84
C LEU B 19 10.29 -11.63 2.29
N ARG B 20 10.09 -12.29 3.44
CA ARG B 20 11.13 -13.09 4.06
C ARG B 20 10.98 -14.57 3.69
N ASN B 21 12.13 -15.25 3.60
CA ASN B 21 12.13 -16.66 3.23
C ASN B 21 12.09 -17.53 4.49
N SER B 22 12.30 -18.84 4.32
CA SER B 22 12.30 -19.77 5.44
C SER B 22 13.42 -19.47 6.43
N LYS B 23 14.55 -18.96 5.95
CA LYS B 23 15.60 -18.51 6.85
C LYS B 23 15.29 -17.17 7.48
N LYS B 24 14.07 -16.64 7.29
CA LYS B 24 13.64 -15.33 7.80
C LYS B 24 14.44 -14.18 7.19
N GLU B 25 15.09 -14.39 6.05
CA GLU B 25 15.85 -13.35 5.37
C GLU B 25 14.95 -12.58 4.42
N LEU B 26 15.06 -11.26 4.45
CA LEU B 26 14.24 -10.41 3.59
C LEU B 26 14.90 -10.30 2.22
N ASN B 27 14.11 -10.50 1.16
CA ASN B 27 14.62 -10.37 -0.20
C ASN B 27 13.67 -9.56 -1.06
N ASP B 28 14.26 -8.82 -2.00
CA ASP B 28 13.51 -8.15 -3.06
C ASP B 28 13.39 -9.12 -4.24
N ILE B 29 12.19 -9.60 -4.50
CA ILE B 29 11.93 -10.51 -5.61
C ILE B 29 11.46 -9.66 -6.80
N ARG B 30 12.28 -9.60 -7.85
CA ARG B 30 12.00 -8.76 -9.01
C ARG B 30 11.40 -9.61 -10.12
N PHE B 31 10.29 -9.14 -10.67
CA PHE B 31 9.61 -9.87 -11.75
C PHE B 31 8.76 -8.87 -12.52
N GLU B 32 8.23 -9.34 -13.64
CA GLU B 32 7.42 -8.50 -14.51
C GLU B 32 6.04 -9.12 -14.69
N PHE B 33 5.10 -8.26 -15.07
CA PHE B 33 3.72 -8.66 -15.33
C PHE B 33 3.26 -7.93 -16.59
N THR B 34 2.91 -8.67 -17.64
CA THR B 34 2.45 -8.04 -18.87
C THR B 34 0.93 -8.12 -18.97
N PRO B 35 0.22 -6.99 -18.92
CA PRO B 35 -1.24 -7.03 -18.99
C PRO B 35 -1.72 -7.67 -20.30
N GLY B 36 -2.79 -8.45 -20.19
CA GLY B 36 -3.31 -9.20 -21.31
C GLY B 36 -2.62 -10.52 -21.58
N ARG B 37 -1.37 -10.66 -21.16
CA ARG B 37 -0.64 -11.93 -21.27
C ARG B 37 -0.67 -12.69 -19.95
N ASP B 38 -0.10 -12.10 -18.91
CA ASP B 38 -0.06 -12.69 -17.59
C ASP B 38 -1.41 -12.58 -16.87
N THR B 39 -1.58 -13.40 -15.85
CA THR B 39 -2.66 -13.26 -14.89
C THR B 39 -2.06 -13.17 -13.50
N ALA B 40 -2.78 -12.52 -12.58
CA ALA B 40 -2.27 -12.37 -11.22
C ALA B 40 -2.07 -13.72 -10.55
N GLU B 41 -3.02 -14.62 -10.71
CA GLU B 41 -2.89 -15.90 -10.05
C GLU B 41 -1.84 -16.77 -10.77
N GLY B 42 -1.69 -16.61 -12.09
CA GLY B 42 -0.65 -17.34 -12.79
C GLY B 42 0.75 -16.93 -12.37
N VAL B 43 1.00 -15.62 -12.27
CA VAL B 43 2.30 -15.13 -11.82
C VAL B 43 2.56 -15.54 -10.38
N SER B 44 1.53 -15.45 -9.52
N SER B 44 1.54 -15.45 -9.53
CA SER B 44 1.68 -15.88 -8.13
CA SER B 44 1.71 -15.88 -8.14
C SER B 44 2.10 -17.34 -8.06
C SER B 44 2.12 -17.34 -8.07
N GLN B 45 1.48 -18.19 -8.88
CA GLN B 45 1.86 -19.61 -8.89
C GLN B 45 3.29 -19.80 -9.40
N GLU B 46 3.70 -19.05 -10.42
CA GLU B 46 5.08 -19.11 -10.90
C GLU B 46 6.05 -18.82 -9.78
N LEU B 47 5.76 -17.79 -8.97
CA LEU B 47 6.63 -17.46 -7.85
C LEU B 47 6.68 -18.60 -6.84
N ILE B 48 5.55 -19.25 -6.60
CA ILE B 48 5.49 -20.39 -5.68
C ILE B 48 6.27 -21.58 -6.24
N SER B 49 6.06 -21.89 -7.52
CA SER B 49 6.78 -23.00 -8.14
C SER B 49 8.28 -22.77 -8.14
N ALA B 50 8.72 -21.52 -8.21
CA ALA B 50 10.13 -21.18 -8.12
C ALA B 50 10.66 -21.22 -6.69
N GLY B 51 9.81 -21.52 -5.71
CA GLY B 51 10.23 -21.57 -4.33
C GLY B 51 10.46 -20.21 -3.71
N LEU B 52 9.87 -19.15 -4.28
CA LEU B 52 10.10 -17.80 -3.80
C LEU B 52 8.99 -17.30 -2.88
N VAL B 53 7.80 -17.90 -2.97
CA VAL B 53 6.63 -17.55 -2.18
C VAL B 53 6.05 -18.82 -1.60
N ASP B 54 5.50 -18.72 -0.40
CA ASP B 54 4.82 -19.84 0.23
C ASP B 54 3.50 -20.14 -0.48
N GLY B 55 3.22 -21.42 -0.71
CA GLY B 55 1.99 -21.79 -1.41
C GLY B 55 0.73 -21.35 -0.70
N ARG B 56 0.76 -21.23 0.63
CA ARG B 56 -0.40 -20.76 1.36
C ARG B 56 -0.75 -19.31 1.00
N ASP B 57 0.18 -18.58 0.39
CA ASP B 57 -0.04 -17.17 0.08
C ASP B 57 -0.50 -16.96 -1.36
N LEU B 58 -0.90 -18.03 -2.05
CA LEU B 58 -1.26 -17.93 -3.46
C LEU B 58 -2.36 -16.89 -3.69
N VAL B 59 -3.48 -17.03 -2.96
CA VAL B 59 -4.64 -16.17 -3.19
C VAL B 59 -4.34 -14.73 -2.78
N ILE B 60 -3.69 -14.55 -1.63
CA ILE B 60 -3.45 -13.20 -1.14
C ILE B 60 -2.45 -12.48 -2.04
N VAL B 61 -1.39 -13.16 -2.45
CA VAL B 61 -0.43 -12.50 -3.32
C VAL B 61 -1.09 -12.14 -4.65
N ALA B 62 -1.90 -13.06 -5.20
CA ALA B 62 -2.60 -12.75 -6.45
C ALA B 62 -3.53 -11.55 -6.27
N ALA B 63 -4.29 -11.53 -5.18
CA ALA B 63 -5.25 -10.46 -4.97
C ALA B 63 -4.57 -9.11 -4.94
N ASN B 64 -3.45 -9.01 -4.25
CA ASN B 64 -2.74 -7.74 -4.15
C ASN B 64 -1.97 -7.42 -5.42
N LEU B 65 -1.46 -8.44 -6.11
CA LEU B 65 -0.90 -8.22 -7.44
C LEU B 65 -1.94 -7.64 -8.38
N GLN B 66 -3.17 -8.16 -8.32
CA GLN B 66 -4.27 -7.60 -9.11
C GLN B 66 -4.52 -6.13 -8.78
N LYS B 67 -4.46 -5.77 -7.48
CA LYS B 67 -4.69 -4.38 -7.11
C LYS B 67 -3.70 -3.43 -7.78
N ILE B 68 -2.42 -3.80 -7.79
CA ILE B 68 -1.39 -2.93 -8.35
C ILE B 68 -1.48 -2.87 -9.87
N VAL B 69 -1.75 -3.98 -10.54
CA VAL B 69 -1.69 -3.94 -12.00
C VAL B 69 -2.93 -3.31 -12.64
N GLU B 70 -4.03 -3.14 -11.89
N GLU B 70 -4.04 -3.18 -11.90
CA GLU B 70 -5.22 -2.53 -12.47
CA GLU B 70 -5.22 -2.52 -12.44
C GLU B 70 -4.98 -1.06 -12.79
C GLU B 70 -4.93 -1.08 -12.83
N GLU B 71 -4.30 -0.33 -11.92
CA GLU B 71 -4.03 1.09 -12.12
C GLU B 71 -2.63 1.43 -11.61
N PRO B 72 -1.59 0.97 -12.31
CA PRO B 72 -0.22 1.11 -11.78
C PRO B 72 0.31 2.54 -11.77
N GLN B 73 -0.27 3.49 -12.52
CA GLN B 73 0.20 4.86 -12.35
C GLN B 73 -0.31 5.46 -11.03
N SER B 74 -1.40 4.91 -10.50
CA SER B 74 -2.02 5.45 -9.30
C SER B 74 -1.57 4.74 -8.04
N ASN B 75 -1.53 3.41 -8.10
CA ASN B 75 -1.26 2.54 -6.95
C ASN B 75 0.15 1.98 -7.10
N ARG B 76 1.08 2.49 -6.29
CA ARG B 76 2.49 2.20 -6.46
C ARG B 76 3.00 1.12 -5.50
N SER B 77 2.39 0.96 -4.33
CA SER B 77 2.88 -0.04 -3.39
C SER B 77 1.73 -0.43 -2.46
N VAL B 78 1.78 -1.68 -2.01
CA VAL B 78 0.88 -2.19 -0.96
C VAL B 78 1.63 -3.13 -0.03
N THR B 79 1.25 -3.10 1.24
CA THR B 79 1.76 -3.99 2.27
C THR B 79 0.60 -4.76 2.86
N PHE B 80 0.68 -6.08 2.84
CA PHE B 80 -0.45 -6.90 3.17
C PHE B 80 -0.01 -8.10 4.01
N LYS B 81 -0.96 -8.61 4.78
CA LYS B 81 -0.70 -9.75 5.64
C LYS B 81 -0.62 -11.05 4.85
N LEU B 82 0.30 -11.93 5.25
CA LEU B 82 0.47 -13.22 4.60
C LEU B 82 -0.28 -14.29 5.37
N ALA B 83 -0.97 -15.18 4.64
CA ALA B 83 -1.60 -16.33 5.29
C ALA B 83 -0.55 -17.24 5.92
N SER B 84 0.61 -17.38 5.28
CA SER B 84 1.66 -18.22 5.83
C SER B 84 2.16 -17.69 7.17
N GLY B 85 2.06 -16.37 7.39
CA GLY B 85 2.57 -15.80 8.63
C GLY B 85 1.70 -16.09 9.83
N VAL B 86 0.41 -16.33 9.61
CA VAL B 86 -0.49 -16.72 10.68
C VAL B 86 -0.09 -18.06 11.28
N GLU B 87 0.60 -18.91 10.50
CA GLU B 87 0.95 -20.24 10.93
C GLU B 87 2.40 -20.35 11.39
N GLY B 88 3.10 -19.22 11.48
CA GLY B 88 4.46 -19.19 11.99
C GLY B 88 4.49 -18.68 13.43
N SER B 89 5.62 -18.89 14.08
CA SER B 89 5.75 -18.44 15.46
C SER B 89 6.27 -17.02 15.57
N ASP B 90 6.77 -16.45 14.48
CA ASP B 90 7.23 -15.08 14.52
C ASP B 90 6.07 -14.15 14.86
N ILE B 91 6.33 -13.17 15.73
CA ILE B 91 5.34 -12.16 16.05
C ILE B 91 5.17 -11.27 14.82
N PRO B 92 3.96 -11.17 14.27
CA PRO B 92 3.76 -10.35 13.06
C PRO B 92 4.09 -8.88 13.31
N ASP B 93 4.72 -8.27 12.31
CA ASP B 93 5.18 -6.88 12.40
C ASP B 93 5.21 -6.36 10.97
N ASP B 94 4.19 -5.57 10.60
CA ASP B 94 4.12 -5.09 9.23
C ASP B 94 5.27 -4.15 8.91
N GLY B 95 5.72 -3.35 9.88
CA GLY B 95 6.79 -2.40 9.64
C GLY B 95 8.14 -3.01 9.35
N LYS B 96 8.32 -4.30 9.69
CA LYS B 96 9.57 -5.01 9.36
C LYS B 96 9.33 -6.22 8.47
N LEU B 97 8.13 -6.32 7.90
CA LEU B 97 7.76 -7.38 6.95
C LEU B 97 8.01 -8.77 7.55
N ILE B 98 7.53 -8.93 8.76
CA ILE B 98 7.51 -10.20 9.45
C ILE B 98 6.06 -10.66 9.46
N GLY B 99 5.75 -11.65 8.64
CA GLY B 99 4.36 -12.05 8.48
C GLY B 99 3.57 -11.19 7.52
N PHE B 100 4.23 -10.25 6.84
CA PHE B 100 3.63 -9.36 5.86
C PHE B 100 4.59 -9.23 4.68
N ALA B 101 4.03 -8.83 3.55
CA ALA B 101 4.82 -8.67 2.35
C ALA B 101 4.50 -7.30 1.77
N GLN B 102 5.45 -6.78 1.00
CA GLN B 102 5.29 -5.48 0.35
C GLN B 102 5.47 -5.65 -1.16
N LEU B 103 4.48 -5.21 -1.92
CA LEU B 103 4.51 -5.32 -3.37
C LEU B 103 4.49 -3.92 -3.99
N SER B 104 5.46 -3.65 -4.86
CA SER B 104 5.67 -2.29 -5.32
C SER B 104 6.02 -2.30 -6.80
N ILE B 105 5.69 -1.19 -7.47
CA ILE B 105 6.23 -0.93 -8.80
C ILE B 105 7.73 -0.66 -8.67
N SER B 106 8.49 -1.24 -9.58
CA SER B 106 9.95 -1.12 -9.55
C SER B 106 10.36 0.30 -9.92
#